data_9N2G
#
_entry.id   9N2G
#
_cell.length_a   41.900
_cell.length_b   50.359
_cell.length_c   62.948
_cell.angle_alpha   90.00
_cell.angle_beta   104.17
_cell.angle_gamma   90.00
#
_symmetry.space_group_name_H-M   'I 1 2 1'
#
loop_
_entity.id
_entity.type
_entity.pdbx_description
1 polymer 'Fis family transcriptional regulator'
2 water water
#
_entity_poly.entity_id   1
_entity_poly.type   'polypeptide(L)'
_entity_poly.pdbx_seq_one_letter_code
;GSHMADGLTRREHDILAFERQWWKFAGVKEEAIKELFSMSATRYYQVLNALVDRPEALAADPMLVKRLRRLRASRQKA
;
_entity_poly.pdbx_strand_id   U,A
#
# COMPACT_ATOMS: atom_id res chain seq x y z
N GLY A 7 24.12 14.55 5.88
CA GLY A 7 24.05 14.49 4.43
C GLY A 7 22.64 14.64 3.89
N LEU A 8 21.67 14.09 4.62
CA LEU A 8 20.27 14.18 4.22
C LEU A 8 19.84 15.64 4.10
N THR A 9 19.25 15.99 2.96
CA THR A 9 18.70 17.32 2.78
C THR A 9 17.45 17.48 3.63
N ARG A 10 16.94 18.72 3.69
CA ARG A 10 15.67 18.95 4.37
C ARG A 10 14.54 18.16 3.71
N ARG A 11 14.44 18.25 2.37
CA ARG A 11 13.36 17.57 1.67
C ARG A 11 13.52 16.05 1.74
N GLU A 12 14.75 15.56 1.73
CA GLU A 12 14.97 14.13 1.92
C GLU A 12 14.54 13.69 3.32
N HIS A 13 14.83 14.52 4.33
CA HIS A 13 14.36 14.26 5.69
C HIS A 13 12.83 14.21 5.74
N ASP A 14 12.17 15.14 5.06
CA ASP A 14 10.71 15.20 5.11
C ASP A 14 10.06 14.05 4.35
N ILE A 15 10.67 13.63 3.23
CA ILE A 15 10.10 12.52 2.47
C ILE A 15 10.13 11.24 3.31
N LEU A 16 11.28 10.98 3.95
CA LEU A 16 11.39 9.79 4.78
C LEU A 16 10.37 9.82 5.92
N ALA A 17 10.28 10.96 6.62
CA ALA A 17 9.32 11.08 7.73
C ALA A 17 7.89 10.90 7.25
N PHE A 18 7.54 11.53 6.12
CA PHE A 18 6.22 11.37 5.54
C PHE A 18 5.97 9.91 5.13
N GLU A 19 6.97 9.30 4.46
CA GLU A 19 6.84 7.91 4.00
C GLU A 19 6.62 6.96 5.17
N ARG A 20 7.37 7.16 6.26
CA ARG A 20 7.26 6.28 7.43
C ARG A 20 5.85 6.24 7.98
N GLN A 21 5.14 7.36 7.95
CA GLN A 21 3.78 7.38 8.45
C GLN A 21 2.88 6.43 7.69
N TRP A 22 3.12 6.26 6.38
CA TRP A 22 2.37 5.28 5.62
C TRP A 22 2.81 3.86 5.92
N TRP A 23 4.03 3.69 6.43
CA TRP A 23 4.49 2.37 6.84
C TRP A 23 3.84 1.93 8.15
N LYS A 24 3.67 2.86 9.09
CA LYS A 24 2.96 2.54 10.32
C LYS A 24 1.49 2.29 10.07
N PHE A 25 0.93 2.84 8.99
CA PHE A 25 -0.43 2.47 8.57
C PHE A 25 -0.50 1.00 8.18
N ALA A 26 0.46 0.52 7.39
CA ALA A 26 0.50 -0.90 7.05
C ALA A 26 0.55 -1.78 8.29
N GLY A 27 1.16 -1.26 9.36
CA GLY A 27 1.29 -2.00 10.64
C GLY A 27 -0.04 -2.15 11.35
N VAL A 28 -0.94 -1.17 11.19
CA VAL A 28 -2.27 -1.21 11.87
C VAL A 28 -3.20 -2.14 11.09
N LYS A 29 -3.18 -2.03 9.76
CA LYS A 29 -4.04 -2.85 8.89
C LYS A 29 -3.84 -4.33 9.17
N GLU A 30 -2.57 -4.76 9.26
CA GLU A 30 -2.28 -6.14 9.64
C GLU A 30 -2.97 -6.51 10.94
N GLU A 31 -2.81 -5.67 11.97
CA GLU A 31 -3.47 -5.91 13.24
C GLU A 31 -4.99 -5.85 13.09
N ALA A 32 -5.51 -4.86 12.37
CA ALA A 32 -6.95 -4.74 12.24
C ALA A 32 -7.55 -5.96 11.55
N ILE A 33 -6.86 -6.51 10.55
CA ILE A 33 -7.31 -7.75 9.90
C ILE A 33 -7.36 -8.87 10.93
N LYS A 34 -6.31 -9.00 11.74
CA LYS A 34 -6.25 -10.07 12.72
C LYS A 34 -7.37 -9.97 13.76
N GLU A 35 -7.75 -8.74 14.13
CA GLU A 35 -8.76 -8.57 15.16
C GLU A 35 -10.17 -8.44 14.59
N LEU A 36 -10.31 -7.93 13.36
CA LEU A 36 -11.65 -7.71 12.82
C LEU A 36 -12.26 -9.00 12.28
N PHE A 37 -11.48 -9.81 11.56
CA PHE A 37 -11.99 -11.04 10.97
C PHE A 37 -11.39 -12.29 11.58
N SER A 38 -10.45 -12.16 12.52
CA SER A 38 -9.79 -13.30 13.18
C SER A 38 -9.10 -14.20 12.17
N MET A 39 -8.25 -13.61 11.34
CA MET A 39 -7.50 -14.38 10.35
C MET A 39 -6.14 -13.73 10.14
N SER A 40 -5.19 -14.54 9.67
CA SER A 40 -3.89 -14.05 9.26
C SER A 40 -4.05 -13.04 8.13
N ALA A 41 -3.08 -12.12 8.04
CA ALA A 41 -3.08 -11.18 6.92
C ALA A 41 -2.99 -11.91 5.59
N THR A 42 -2.24 -13.02 5.55
CA THR A 42 -2.07 -13.74 4.30
C THR A 42 -3.37 -14.35 3.84
N ARG A 43 -4.08 -15.05 4.73
CA ARG A 43 -5.35 -15.66 4.36
C ARG A 43 -6.36 -14.59 3.96
N TYR A 44 -6.26 -13.40 4.56
CA TYR A 44 -7.16 -12.31 4.20
C TYR A 44 -7.00 -11.92 2.73
N TYR A 45 -5.76 -11.86 2.24
CA TYR A 45 -5.54 -11.48 0.84
C TYR A 45 -5.85 -12.62 -0.11
N GLN A 46 -5.73 -13.86 0.36
CA GLN A 46 -6.19 -15.00 -0.42
C GLN A 46 -7.70 -14.92 -0.64
N VAL A 47 -8.45 -14.60 0.41
CA VAL A 47 -9.90 -14.43 0.28
C VAL A 47 -10.22 -13.24 -0.62
N LEU A 48 -9.51 -12.13 -0.43
CA LEU A 48 -9.73 -10.95 -1.27
C LEU A 48 -9.41 -11.27 -2.71
N ASN A 49 -8.33 -12.01 -2.95
CA ASN A 49 -7.98 -12.46 -4.29
C ASN A 49 -9.16 -13.17 -4.95
N ALA A 50 -9.66 -14.22 -4.31
CA ALA A 50 -10.75 -15.01 -4.89
C ALA A 50 -12.00 -14.18 -5.07
N LEU A 51 -12.30 -13.31 -4.10
CA LEU A 51 -13.57 -12.57 -4.12
C LEU A 51 -13.61 -11.52 -5.22
N VAL A 52 -12.48 -10.90 -5.54
CA VAL A 52 -12.45 -9.77 -6.46
C VAL A 52 -12.98 -10.14 -7.85
N ASP A 53 -12.79 -11.39 -8.26
CA ASP A 53 -13.19 -11.81 -9.62
C ASP A 53 -14.65 -12.26 -9.68
N ARG A 54 -15.33 -12.32 -8.56
CA ARG A 54 -16.75 -12.73 -8.59
C ARG A 54 -17.62 -11.57 -9.08
N PRO A 55 -18.52 -11.79 -10.05
CA PRO A 55 -19.38 -10.74 -10.54
C PRO A 55 -20.17 -10.09 -9.39
N GLU A 56 -20.54 -10.87 -8.38
CA GLU A 56 -21.31 -10.32 -7.27
C GLU A 56 -20.52 -9.25 -6.53
N ALA A 57 -19.21 -9.44 -6.37
CA ALA A 57 -18.37 -8.41 -5.75
C ALA A 57 -18.34 -7.14 -6.59
N LEU A 58 -18.32 -7.27 -7.91
CA LEU A 58 -18.31 -6.09 -8.79
C LEU A 58 -19.58 -5.28 -8.62
N ALA A 59 -20.74 -5.93 -8.48
CA ALA A 59 -21.98 -5.21 -8.27
C ALA A 59 -21.95 -4.41 -6.97
N ALA A 60 -21.43 -5.04 -5.93
CA ALA A 60 -21.36 -4.42 -4.60
C ALA A 60 -20.65 -3.07 -4.69
N ASP A 61 -19.35 -3.09 -4.95
CA ASP A 61 -18.52 -1.86 -5.07
C ASP A 61 -17.81 -1.88 -6.43
N PRO A 62 -18.37 -1.21 -7.45
CA PRO A 62 -17.80 -1.22 -8.77
C PRO A 62 -16.48 -0.47 -8.89
N MET A 63 -16.35 0.66 -8.21
CA MET A 63 -15.13 1.46 -8.28
C MET A 63 -13.96 0.74 -7.60
N LEU A 64 -14.22 0.13 -6.45
CA LEU A 64 -13.13 -0.50 -5.69
C LEU A 64 -12.57 -1.71 -6.42
N VAL A 65 -13.46 -2.63 -6.84
CA VAL A 65 -12.96 -3.90 -7.35
C VAL A 65 -12.45 -3.76 -8.77
N LYS A 66 -12.86 -2.71 -9.49
CA LYS A 66 -12.24 -2.41 -10.77
C LYS A 66 -10.77 -2.06 -10.59
N ARG A 67 -10.45 -1.29 -9.53
CA ARG A 67 -9.06 -0.92 -9.29
C ARG A 67 -8.26 -2.06 -8.68
N LEU A 68 -8.89 -2.88 -7.83
CA LEU A 68 -8.23 -4.09 -7.36
C LEU A 68 -7.90 -5.01 -8.53
N ARG A 69 -8.82 -5.12 -9.50
CA ARG A 69 -8.54 -5.91 -10.70
C ARG A 69 -7.40 -5.32 -11.51
N ARG A 70 -7.36 -4.00 -11.66
CA ARG A 70 -6.28 -3.38 -12.42
C ARG A 70 -4.93 -3.61 -11.74
N LEU A 71 -4.88 -3.48 -10.41
CA LEU A 71 -3.65 -3.76 -9.68
C LEU A 71 -3.23 -5.22 -9.85
N ARG A 72 -4.21 -6.13 -9.90
CA ARG A 72 -3.92 -7.54 -10.12
C ARG A 72 -3.25 -7.74 -11.47
N ALA A 73 -3.91 -7.28 -12.52
CA ALA A 73 -3.45 -7.44 -13.91
C ALA A 73 -2.13 -6.73 -14.17
N SER A 74 -1.74 -5.75 -13.37
CA SER A 74 -0.46 -5.10 -13.74
C SER A 74 0.72 -5.85 -13.14
N ARG A 75 0.50 -6.63 -12.09
CA ARG A 75 1.61 -7.39 -11.45
C ARG A 75 1.92 -8.64 -12.29
N GLN A 76 0.99 -9.09 -13.10
CA GLN A 76 1.22 -10.31 -13.90
C GLN A 76 1.69 -9.93 -15.31
N LYS A 77 0.80 -9.33 -16.11
CA LYS A 77 1.06 -8.89 -17.51
C LYS A 77 2.37 -8.12 -17.56
N GLY B 7 -25.27 -12.43 -3.69
CA GLY B 7 -24.44 -13.62 -3.63
C GLY B 7 -23.28 -13.48 -2.68
N LEU B 8 -23.13 -12.27 -2.13
CA LEU B 8 -22.05 -11.97 -1.20
C LEU B 8 -22.45 -12.37 0.21
N THR B 9 -21.56 -13.07 0.92
CA THR B 9 -21.80 -13.35 2.31
C THR B 9 -21.61 -12.07 3.14
N ARG B 10 -21.85 -12.19 4.45
CA ARG B 10 -21.63 -11.04 5.33
C ARG B 10 -20.14 -10.75 5.48
N ARG B 11 -19.33 -11.80 5.70
CA ARG B 11 -17.89 -11.61 5.84
C ARG B 11 -17.29 -11.03 4.57
N GLU B 12 -17.80 -11.46 3.41
CA GLU B 12 -17.24 -10.98 2.15
C GLU B 12 -17.60 -9.52 1.90
N HIS B 13 -18.84 -9.13 2.22
CA HIS B 13 -19.21 -7.72 2.12
C HIS B 13 -18.38 -6.86 3.07
N ASP B 14 -18.16 -7.34 4.30
CA ASP B 14 -17.33 -6.60 5.25
C ASP B 14 -15.89 -6.48 4.77
N ILE B 15 -15.33 -7.56 4.21
CA ILE B 15 -13.97 -7.52 3.70
C ILE B 15 -13.84 -6.44 2.64
N LEU B 16 -14.85 -6.32 1.77
CA LEU B 16 -14.80 -5.33 0.69
C LEU B 16 -14.94 -3.91 1.24
N ALA B 17 -15.79 -3.72 2.26
CA ALA B 17 -15.90 -2.43 2.90
C ALA B 17 -14.60 -2.05 3.61
N PHE B 18 -14.03 -3.00 4.35
CA PHE B 18 -12.75 -2.77 5.02
C PHE B 18 -11.66 -2.44 4.01
N GLU B 19 -11.64 -3.14 2.87
CA GLU B 19 -10.62 -2.83 1.86
C GLU B 19 -10.86 -1.47 1.23
N ARG B 20 -12.12 -1.04 1.11
CA ARG B 20 -12.41 0.26 0.54
C ARG B 20 -11.74 1.39 1.33
N GLN B 21 -11.68 1.26 2.66
CA GLN B 21 -11.10 2.33 3.45
C GLN B 21 -9.61 2.49 3.17
N TRP B 22 -8.88 1.38 3.07
CA TRP B 22 -7.45 1.46 2.79
C TRP B 22 -7.17 1.88 1.36
N TRP B 23 -8.05 1.53 0.42
CA TRP B 23 -7.90 2.02 -0.94
C TRP B 23 -8.11 3.53 -1.00
N LYS B 24 -9.03 4.06 -0.19
CA LYS B 24 -9.20 5.50 -0.10
C LYS B 24 -7.97 6.16 0.49
N PHE B 25 -7.25 5.45 1.38
CA PHE B 25 -6.04 5.99 1.98
C PHE B 25 -4.95 6.20 0.93
N ALA B 26 -4.78 5.24 0.03
CA ALA B 26 -3.79 5.37 -1.03
C ALA B 26 -4.08 6.59 -1.90
N GLY B 27 -5.36 6.88 -2.13
CA GLY B 27 -5.71 8.09 -2.86
C GLY B 27 -5.25 9.35 -2.13
N VAL B 28 -5.46 9.39 -0.81
CA VAL B 28 -5.09 10.57 -0.03
C VAL B 28 -3.57 10.71 0.02
N LYS B 29 -2.84 9.60 -0.01
CA LYS B 29 -1.39 9.68 -0.05
C LYS B 29 -0.91 10.35 -1.32
N GLU B 30 -1.51 10.02 -2.47
CA GLU B 30 -1.10 10.65 -3.72
C GLU B 30 -1.37 12.15 -3.69
N GLU B 31 -2.55 12.54 -3.20
CA GLU B 31 -2.87 13.96 -3.08
C GLU B 31 -1.92 14.67 -2.12
N ALA B 32 -1.60 14.02 -1.00
CA ALA B 32 -0.65 14.60 -0.06
C ALA B 32 0.73 14.75 -0.69
N ILE B 33 1.14 13.78 -1.51
CA ILE B 33 2.41 13.92 -2.23
C ILE B 33 2.39 15.19 -3.07
N LYS B 34 1.30 15.42 -3.80
CA LYS B 34 1.26 16.55 -4.72
C LYS B 34 1.15 17.89 -4.00
N GLU B 35 0.48 17.94 -2.85
CA GLU B 35 0.31 19.25 -2.21
C GLU B 35 1.50 19.61 -1.32
N LEU B 36 1.92 18.68 -0.46
CA LEU B 36 3.06 18.89 0.42
C LEU B 36 4.35 19.11 -0.37
N PHE B 37 4.79 18.10 -1.11
CA PHE B 37 6.06 18.15 -1.83
C PHE B 37 5.96 18.74 -3.23
N SER B 38 4.75 19.11 -3.66
CA SER B 38 4.53 19.81 -4.94
C SER B 38 5.17 19.08 -6.12
N MET B 39 5.21 17.75 -6.07
CA MET B 39 5.76 16.95 -7.14
C MET B 39 4.82 15.79 -7.45
N SER B 40 4.90 15.32 -8.69
CA SER B 40 4.07 14.21 -9.13
C SER B 40 4.40 12.94 -8.34
N ALA B 41 3.43 12.02 -8.30
CA ALA B 41 3.62 10.79 -7.54
C ALA B 41 4.78 9.96 -8.11
N THR B 42 4.89 9.90 -9.44
CA THR B 42 5.96 9.09 -10.03
C THR B 42 7.34 9.64 -9.68
N ARG B 43 7.50 10.97 -9.71
CA ARG B 43 8.79 11.55 -9.37
C ARG B 43 9.10 11.40 -7.88
N TYR B 44 8.07 11.34 -7.04
CA TYR B 44 8.28 11.09 -5.62
C TYR B 44 8.93 9.72 -5.41
N TYR B 45 8.38 8.68 -6.03
CA TYR B 45 8.95 7.35 -5.85
C TYR B 45 10.31 7.21 -6.52
N GLN B 46 10.61 8.04 -7.52
CA GLN B 46 11.96 8.12 -8.05
C GLN B 46 12.94 8.63 -7.00
N VAL B 47 12.61 9.77 -6.39
CA VAL B 47 13.45 10.30 -5.32
C VAL B 47 13.52 9.33 -4.15
N LEU B 48 12.36 8.79 -3.75
CA LEU B 48 12.31 7.86 -2.64
C LEU B 48 13.19 6.65 -2.89
N ASN B 49 13.10 6.06 -4.08
CA ASN B 49 13.86 4.84 -4.36
C ASN B 49 15.34 5.11 -4.58
N ALA B 50 15.71 6.26 -5.13
CA ALA B 50 17.12 6.62 -5.18
C ALA B 50 17.65 6.92 -3.79
N LEU B 51 16.79 7.33 -2.87
CA LEU B 51 17.22 7.69 -1.53
C LEU B 51 17.56 6.48 -0.68
N VAL B 52 16.90 5.34 -0.93
CA VAL B 52 17.17 4.14 -0.14
C VAL B 52 18.61 3.67 -0.32
N ASP B 53 19.14 3.79 -1.54
CA ASP B 53 20.52 3.36 -1.78
C ASP B 53 21.54 4.29 -1.12
N ARG B 54 21.13 5.45 -0.64
CA ARG B 54 22.08 6.38 -0.05
C ARG B 54 22.52 5.86 1.32
N PRO B 55 23.82 5.84 1.61
CA PRO B 55 24.27 5.24 2.89
C PRO B 55 23.67 5.89 4.12
N GLU B 56 23.54 7.22 4.13
CA GLU B 56 23.04 7.92 5.31
C GLU B 56 21.57 7.61 5.59
N ALA B 57 20.80 7.19 4.57
CA ALA B 57 19.40 6.83 4.81
C ALA B 57 19.28 5.53 5.58
N LEU B 58 20.11 4.53 5.24
CA LEU B 58 20.10 3.26 5.97
C LEU B 58 20.48 3.47 7.43
N ALA B 59 21.47 4.33 7.67
CA ALA B 59 21.92 4.59 9.03
C ALA B 59 20.84 5.28 9.86
N ALA B 60 20.20 6.30 9.28
CA ALA B 60 19.26 7.12 10.03
C ALA B 60 18.04 6.32 10.47
N ASP B 61 17.57 5.43 9.62
CA ASP B 61 16.48 4.56 10.02
C ASP B 61 16.65 3.16 9.42
N PRO B 62 16.89 2.15 10.26
CA PRO B 62 17.15 0.82 9.71
C PRO B 62 15.92 0.14 9.14
N MET B 63 14.80 0.19 9.85
CA MET B 63 13.65 -0.63 9.46
C MET B 63 12.90 -0.07 8.27
N LEU B 64 12.76 1.26 8.17
CA LEU B 64 12.03 1.85 7.05
C LEU B 64 12.69 1.51 5.72
N VAL B 65 13.98 1.84 5.57
CA VAL B 65 14.66 1.55 4.31
C VAL B 65 14.75 0.04 4.10
N LYS B 66 14.91 -0.74 5.17
CA LYS B 66 15.00 -2.18 5.01
C LYS B 66 13.72 -2.77 4.44
N ARG B 67 12.57 -2.28 4.90
CA ARG B 67 11.32 -2.69 4.26
C ARG B 67 11.23 -2.11 2.85
N LEU B 68 11.67 -0.86 2.67
CA LEU B 68 11.61 -0.24 1.36
C LEU B 68 12.60 -0.90 0.39
N ARG B 69 13.77 -1.31 0.89
CA ARG B 69 14.68 -2.10 0.07
C ARG B 69 14.10 -3.46 -0.26
N ARG B 70 13.50 -4.10 0.76
CA ARG B 70 12.93 -5.45 0.58
C ARG B 70 11.66 -5.38 -0.27
N LEU B 71 10.99 -4.23 -0.33
CA LEU B 71 9.74 -4.17 -1.13
C LEU B 71 10.07 -3.94 -2.60
N ARG B 72 11.21 -3.33 -2.92
CA ARG B 72 11.49 -3.16 -4.35
C ARG B 72 12.24 -4.39 -4.86
N ALA B 73 13.07 -5.00 -4.01
CA ALA B 73 13.81 -6.21 -4.42
C ALA B 73 12.78 -7.26 -4.82
N SER B 74 11.75 -7.43 -4.00
CA SER B 74 10.68 -8.39 -4.34
C SER B 74 9.95 -7.92 -5.60
N ARG B 75 9.76 -6.61 -5.76
CA ARG B 75 9.01 -6.05 -6.90
C ARG B 75 9.84 -6.22 -8.18
N GLN B 76 11.05 -6.77 -8.05
CA GLN B 76 11.94 -6.85 -9.23
C GLN B 76 12.31 -8.30 -9.55
N LYS B 77 12.66 -9.08 -8.53
CA LYS B 77 13.13 -10.48 -8.66
C LYS B 77 12.25 -11.34 -9.58
N ALA B 78 10.98 -10.99 -9.78
CA ALA B 78 10.13 -11.76 -10.70
C ALA B 78 8.94 -10.94 -11.17
#